data_6DQU
#
_entry.id   6DQU
#
_cell.length_a   47.895
_cell.length_b   92.956
_cell.length_c   108.335
_cell.angle_alpha   90.000
_cell.angle_beta   90.000
_cell.angle_gamma   90.000
#
_symmetry.space_group_name_H-M   'P 21 21 21'
#
loop_
_entity.id
_entity.type
_entity.pdbx_description
1 polymer 'Periplasmic oligopeptide-binding protein'
2 polymer GLY-ILE-ILE-ASN-THR-LEU
3 non-polymer 'SULFATE ION'
4 water water
#
loop_
_entity_poly.entity_id
_entity_poly.type
_entity_poly.pdbx_seq_one_letter_code
_entity_poly.pdbx_strand_id
1 'polypeptide(L)'
;MVIVPEGTQLDEKQHIVINNGAEPQSFDPHKTEGVPESNVAYQLLEGLVTSDSEGKLQPGAAESWENTPDFKTWTFHLRK
DAKWSNGDPVTAHDFVFAWRRLVDPATAAPYASYLSYLQVENAQDIIDGKKKPAELGVEAKDDYTFVVHATNPVPYAVSL
TTHQSLLPLPQKVVEKLGDAWVKKENYVGNGAYKLANHIINEKIEFERNPLYWNDKETVINSATFLAIENPSTDVARYRA
GDLDMTSYGLPPEQFAKLKKELLGEVYVTRTLGTYSYELNNKKAPFDNVNIRKALNLSLDRNVITDKVLGQGQTPTYVFT
PTYIEEGHLIQQPAYSKEPMAQRNEEAIKLLEEAGYSKANPLKFSILYNTNENHKKVAIAAASMWKANTKGLIDVKLENQ
EWKTYIDSRRAGRYDVARAGWHADYNQATTFGNYFLSNSSNNTAKYANPEYDKAMAESYAATDAEGRAKAYAKAEEILGK
DYGIVPIFNYVNPRLVKPYVKGYSGKDPQDHIYLRNLYIIKHLEHHHHHH
;
A
2 'polypeptide(L)' GIINTL B
#
# COMPACT_ATOMS: atom_id res chain seq x y z
N THR A 8 -19.44 -26.63 -16.97
CA THR A 8 -19.09 -25.29 -17.57
C THR A 8 -18.06 -25.42 -18.71
N GLN A 9 -17.67 -24.26 -19.23
CA GLN A 9 -16.46 -24.09 -20.06
C GLN A 9 -16.13 -22.60 -20.08
N LEU A 10 -15.08 -22.22 -20.79
CA LEU A 10 -14.72 -20.82 -20.90
C LEU A 10 -15.70 -20.07 -21.74
N ASP A 11 -16.04 -18.87 -21.30
CA ASP A 11 -16.93 -18.00 -22.05
C ASP A 11 -16.23 -17.53 -23.30
N GLU A 12 -17.01 -17.33 -24.36
CA GLU A 12 -16.44 -16.92 -25.64
C GLU A 12 -16.01 -15.48 -25.53
N LYS A 13 -16.74 -14.72 -24.73
CA LYS A 13 -16.41 -13.37 -24.44
C LYS A 13 -15.65 -13.40 -23.09
N GLN A 14 -14.53 -12.73 -23.10
CA GLN A 14 -13.68 -12.66 -21.87
C GLN A 14 -13.48 -11.18 -21.53
N HIS A 15 -14.52 -10.58 -20.96
CA HIS A 15 -14.52 -9.17 -20.58
C HIS A 15 -14.82 -9.18 -19.06
N ILE A 16 -14.27 -8.22 -18.33
CA ILE A 16 -14.51 -8.13 -16.91
C ILE A 16 -14.54 -6.66 -16.47
N VAL A 17 -15.43 -6.36 -15.55
CA VAL A 17 -15.57 -5.04 -14.94
C VAL A 17 -15.29 -5.14 -13.43
N ILE A 18 -14.30 -4.32 -13.00
CA ILE A 18 -13.78 -4.33 -11.63
C ILE A 18 -13.81 -2.92 -11.11
N ASN A 19 -14.32 -2.77 -9.87
CA ASN A 19 -14.18 -1.50 -9.25
C ASN A 19 -12.80 -1.30 -8.64
N ASN A 20 -12.13 -0.26 -9.13
CA ASN A 20 -10.81 0.15 -8.61
C ASN A 20 -10.94 1.26 -7.55
N GLY A 21 -12.13 1.86 -7.39
CA GLY A 21 -12.44 2.60 -6.18
C GLY A 21 -12.14 4.11 -6.18
N ALA A 22 -11.19 4.54 -7.00
CA ALA A 22 -10.76 5.97 -7.04
C ALA A 22 -10.12 6.26 -8.36
N GLU A 23 -10.11 7.53 -8.75
CA GLU A 23 -9.35 7.95 -9.88
C GLU A 23 -7.86 7.93 -9.51
N PRO A 24 -7.01 7.18 -10.23
CA PRO A 24 -5.60 7.11 -9.82
C PRO A 24 -4.85 8.42 -9.99
N GLN A 25 -3.95 8.68 -9.06
CA GLN A 25 -3.11 9.88 -9.11
C GLN A 25 -2.31 9.97 -10.41
N SER A 26 -1.80 8.83 -10.88
CA SER A 26 -0.95 8.78 -12.05
C SER A 26 -0.80 7.35 -12.49
N PHE A 27 -0.41 7.17 -13.74
CA PHE A 27 -0.08 5.80 -14.23
C PHE A 27 1.47 5.55 -14.32
N ASP A 28 2.23 6.53 -13.82
CA ASP A 28 3.70 6.45 -13.70
C ASP A 28 4.02 5.89 -12.35
N PRO A 29 4.64 4.72 -12.31
CA PRO A 29 4.86 4.16 -10.99
C PRO A 29 5.87 4.88 -10.11
N HIS A 30 6.59 5.83 -10.68
CA HIS A 30 7.44 6.61 -9.84
C HIS A 30 6.77 7.81 -9.24
N LYS A 31 5.48 7.98 -9.53
CA LYS A 31 4.77 9.16 -9.07
C LYS A 31 3.68 8.85 -8.07
N THR A 32 3.57 7.59 -7.60
CA THR A 32 2.39 7.20 -6.88
C THR A 32 2.74 6.34 -5.70
N GLU A 33 1.81 6.18 -4.78
CA GLU A 33 2.06 5.33 -3.56
C GLU A 33 0.85 4.54 -3.08
N GLY A 34 -0.20 4.52 -3.89
CA GLY A 34 -1.49 3.95 -3.50
C GLY A 34 -1.89 2.70 -4.26
N VAL A 35 -2.87 1.97 -3.70
CA VAL A 35 -3.44 0.81 -4.29
C VAL A 35 -4.18 1.02 -5.63
N PRO A 36 -4.97 2.07 -5.76
CA PRO A 36 -5.62 2.25 -7.08
C PRO A 36 -4.58 2.40 -8.16
N GLU A 37 -3.49 3.10 -7.85
CA GLU A 37 -2.44 3.30 -8.80
C GLU A 37 -1.69 2.02 -9.13
N SER A 38 -1.28 1.24 -8.12
CA SER A 38 -0.60 0.01 -8.37
C SER A 38 -1.45 -0.99 -9.15
N ASN A 39 -2.74 -1.04 -8.87
CA ASN A 39 -3.64 -1.89 -9.63
C ASN A 39 -3.65 -1.60 -11.09
N VAL A 40 -3.51 -0.33 -11.50
CA VAL A 40 -3.35 -0.06 -12.88
C VAL A 40 -1.96 -0.45 -13.43
N ALA A 41 -0.95 -0.05 -12.72
CA ALA A 41 0.43 -0.30 -13.17
C ALA A 41 0.68 -1.79 -13.41
N TYR A 42 0.18 -2.66 -12.55
CA TYR A 42 0.43 -4.08 -12.69
C TYR A 42 -0.20 -4.72 -13.90
N GLN A 43 -1.18 -4.06 -14.51
CA GLN A 43 -1.68 -4.54 -15.79
C GLN A 43 -0.83 -4.06 -17.00
N LEU A 44 -0.19 -2.90 -16.89
CA LEU A 44 0.53 -2.24 -18.01
C LEU A 44 2.01 -2.55 -18.03
N LEU A 45 2.59 -2.99 -16.88
CA LEU A 45 4.03 -3.12 -16.78
C LEU A 45 4.26 -4.41 -15.97
N GLU A 46 5.44 -4.94 -16.14
CA GLU A 46 5.83 -6.17 -15.38
C GLU A 46 7.31 -6.10 -14.97
N GLY A 47 7.55 -6.38 -13.69
CA GLY A 47 8.91 -6.33 -13.19
C GLY A 47 9.63 -7.66 -13.38
N LEU A 48 10.76 -7.77 -12.69
CA LEU A 48 11.63 -8.94 -12.85
C LEU A 48 10.87 -10.27 -12.60
N VAL A 49 10.10 -10.26 -11.53
CA VAL A 49 9.33 -11.41 -11.03
C VAL A 49 7.93 -10.90 -10.75
N THR A 50 6.96 -11.76 -10.94
CA THR A 50 5.56 -11.44 -10.69
C THR A 50 4.90 -12.55 -9.92
N SER A 51 3.58 -12.57 -9.80
CA SER A 51 2.96 -13.64 -8.97
C SER A 51 1.66 -14.22 -9.51
N ASP A 52 1.26 -15.33 -8.88
CA ASP A 52 0.01 -15.97 -9.17
C ASP A 52 -1.07 -15.40 -8.25
N SER A 53 -2.27 -15.97 -8.33
CA SER A 53 -3.42 -15.51 -7.58
C SER A 53 -3.33 -15.60 -6.08
N GLU A 54 -2.44 -16.45 -5.58
CA GLU A 54 -2.13 -16.56 -4.15
C GLU A 54 -0.85 -15.81 -3.76
N GLY A 55 -0.27 -15.01 -4.66
CA GLY A 55 0.93 -14.28 -4.30
C GLY A 55 2.26 -15.05 -4.33
N LYS A 56 2.25 -16.26 -4.86
CA LYS A 56 3.48 -17.03 -5.06
C LYS A 56 4.23 -16.55 -6.29
N LEU A 57 5.55 -16.57 -6.22
CA LEU A 57 6.39 -15.93 -7.22
C LEU A 57 6.53 -16.76 -8.46
N GLN A 58 6.55 -16.08 -9.61
CA GLN A 58 6.79 -16.72 -10.87
C GLN A 58 7.53 -15.76 -11.81
N PRO A 59 8.15 -16.32 -12.86
CA PRO A 59 9.00 -15.46 -13.73
C PRO A 59 8.20 -14.31 -14.31
N GLY A 60 8.79 -13.13 -14.37
CA GLY A 60 8.20 -11.97 -15.04
C GLY A 60 9.08 -11.64 -16.20
N ALA A 61 9.65 -10.43 -16.23
CA ALA A 61 10.60 -10.00 -17.24
C ALA A 61 11.87 -10.79 -17.25
N ALA A 62 12.20 -11.35 -16.07
CA ALA A 62 13.34 -12.26 -15.88
C ALA A 62 12.84 -13.72 -15.89
N GLU A 63 13.47 -14.51 -16.75
CA GLU A 63 13.12 -15.90 -16.91
C GLU A 63 13.91 -16.74 -15.89
N SER A 64 14.96 -16.18 -15.33
CA SER A 64 15.77 -16.94 -14.33
C SER A 64 16.54 -15.93 -13.50
N TRP A 65 16.99 -16.32 -12.32
CA TRP A 65 17.68 -15.44 -11.42
C TRP A 65 18.38 -16.29 -10.38
N GLU A 66 19.33 -15.66 -9.72
CA GLU A 66 20.13 -16.36 -8.68
C GLU A 66 20.75 -15.33 -7.72
N ASN A 67 21.22 -15.83 -6.59
CA ASN A 67 21.85 -14.96 -5.60
C ASN A 67 23.13 -15.63 -5.15
N THR A 68 24.11 -14.79 -4.82
CA THR A 68 25.32 -15.25 -4.09
C THR A 68 24.90 -15.77 -2.71
N PRO A 69 25.71 -16.69 -2.12
CA PRO A 69 25.33 -17.27 -0.81
C PRO A 69 25.20 -16.24 0.35
N ASP A 70 25.85 -15.06 0.23
CA ASP A 70 25.69 -14.02 1.24
C ASP A 70 24.44 -13.11 1.08
N PHE A 71 23.58 -13.45 0.11
CA PHE A 71 22.37 -12.69 -0.17
C PHE A 71 22.59 -11.22 -0.52
N LYS A 72 23.77 -10.89 -0.99
CA LYS A 72 24.07 -9.51 -1.34
C LYS A 72 24.12 -9.24 -2.86
N THR A 73 24.25 -10.27 -3.70
CA THR A 73 24.37 -10.07 -5.14
C THR A 73 23.23 -10.86 -5.80
N TRP A 74 22.42 -10.16 -6.60
CA TRP A 74 21.26 -10.75 -7.22
C TRP A 74 21.34 -10.55 -8.72
N THR A 75 21.30 -11.64 -9.47
CA THR A 75 21.48 -11.62 -10.88
C THR A 75 20.23 -12.10 -11.59
N PHE A 76 19.73 -11.30 -12.56
CA PHE A 76 18.49 -11.59 -13.22
C PHE A 76 18.74 -11.74 -14.69
N HIS A 77 18.29 -12.87 -15.26
CA HIS A 77 18.44 -13.17 -16.69
C HIS A 77 17.19 -12.85 -17.40
N LEU A 78 17.27 -11.77 -18.19
CA LEU A 78 16.11 -11.31 -18.89
C LEU A 78 15.85 -12.05 -20.21
N ARG A 79 14.59 -11.97 -20.66
CA ARG A 79 14.20 -12.70 -21.89
C ARG A 79 14.76 -12.05 -23.13
N LYS A 80 15.46 -12.83 -23.97
CA LYS A 80 16.20 -12.20 -25.04
C LYS A 80 15.31 -11.69 -26.11
N ASP A 81 14.13 -12.22 -26.22
CA ASP A 81 13.28 -11.74 -27.32
C ASP A 81 12.14 -10.86 -26.87
N ALA A 82 12.17 -10.43 -25.61
CA ALA A 82 11.00 -9.71 -25.07
C ALA A 82 10.98 -8.31 -25.62
N LYS A 83 9.77 -7.83 -25.86
CA LYS A 83 9.57 -6.48 -26.39
C LYS A 83 8.60 -5.68 -25.57
N TRP A 84 8.76 -4.36 -25.62
CA TRP A 84 7.78 -3.44 -25.11
C TRP A 84 6.57 -3.41 -26.10
N SER A 85 5.50 -2.82 -25.67
CA SER A 85 4.24 -2.87 -26.46
C SER A 85 4.40 -2.12 -27.80
N ASN A 86 5.41 -1.29 -27.94
CA ASN A 86 5.65 -0.57 -29.24
C ASN A 86 6.68 -1.30 -30.15
N GLY A 87 7.21 -2.47 -29.70
CA GLY A 87 8.22 -3.22 -30.41
C GLY A 87 9.67 -3.02 -30.00
N ASP A 88 9.95 -2.08 -29.10
CA ASP A 88 11.31 -1.77 -28.65
C ASP A 88 11.70 -2.99 -27.82
N PRO A 89 12.96 -3.36 -27.81
CA PRO A 89 13.38 -4.50 -26.91
C PRO A 89 13.35 -4.08 -25.44
N VAL A 90 12.96 -5.03 -24.56
CA VAL A 90 13.08 -4.87 -23.11
C VAL A 90 14.50 -5.35 -22.78
N THR A 91 15.31 -4.49 -22.18
CA THR A 91 16.69 -4.83 -21.83
C THR A 91 16.98 -4.50 -20.40
N ALA A 92 18.10 -5.04 -19.91
CA ALA A 92 18.60 -4.63 -18.60
C ALA A 92 18.80 -3.14 -18.45
N HIS A 93 19.04 -2.45 -19.55
CA HIS A 93 19.17 -1.00 -19.49
C HIS A 93 17.85 -0.31 -19.06
N ASP A 94 16.70 -0.86 -19.43
CA ASP A 94 15.41 -0.34 -18.94
C ASP A 94 15.24 -0.42 -17.43
N PHE A 95 15.70 -1.53 -16.81
CA PHE A 95 15.70 -1.63 -15.42
C PHE A 95 16.68 -0.66 -14.73
N VAL A 96 17.89 -0.54 -15.25
CA VAL A 96 18.87 0.43 -14.73
C VAL A 96 18.27 1.83 -14.76
N PHE A 97 17.70 2.16 -15.91
CA PHE A 97 17.09 3.45 -16.09
C PHE A 97 16.00 3.71 -15.10
N ALA A 98 15.11 2.74 -14.95
CA ALA A 98 13.95 2.93 -14.09
C ALA A 98 14.36 3.03 -12.62
N TRP A 99 15.22 2.11 -12.17
CA TRP A 99 15.62 2.10 -10.80
C TRP A 99 16.40 3.39 -10.43
N ARG A 100 17.23 3.88 -11.34
CA ARG A 100 17.93 5.17 -11.11
C ARG A 100 16.91 6.31 -11.05
N ARG A 101 15.91 6.28 -11.93
CA ARG A 101 14.89 7.35 -11.94
C ARG A 101 14.08 7.37 -10.61
N LEU A 102 13.85 6.18 -9.99
CA LEU A 102 13.12 6.08 -8.75
C LEU A 102 13.83 6.79 -7.59
N VAL A 103 15.16 6.60 -7.49
CA VAL A 103 15.89 7.27 -6.40
C VAL A 103 16.32 8.69 -6.70
N ASP A 104 16.27 9.11 -7.95
CA ASP A 104 16.72 10.45 -8.33
C ASP A 104 15.82 11.49 -7.64
N PRO A 105 16.39 12.35 -6.79
CA PRO A 105 15.56 13.39 -6.17
C PRO A 105 14.69 14.21 -7.13
N ALA A 106 15.16 14.41 -8.33
CA ALA A 106 14.45 15.19 -9.34
C ALA A 106 13.10 14.54 -9.75
N THR A 107 12.97 13.24 -9.50
CA THR A 107 11.71 12.52 -9.75
C THR A 107 10.66 12.74 -8.68
N ALA A 108 11.12 13.11 -7.48
CA ALA A 108 10.27 13.37 -6.32
C ALA A 108 9.33 12.19 -6.11
N ALA A 109 9.89 10.99 -6.17
CA ALA A 109 9.06 9.78 -6.07
C ALA A 109 8.64 9.45 -4.65
N PRO A 110 7.35 9.19 -4.44
CA PRO A 110 6.91 8.85 -3.13
C PRO A 110 7.53 7.60 -2.59
N TYR A 111 7.93 6.69 -3.49
CA TYR A 111 8.51 5.43 -3.04
C TYR A 111 10.04 5.45 -3.28
N ALA A 112 10.64 6.63 -3.41
CA ALA A 112 12.12 6.78 -3.59
C ALA A 112 12.85 5.83 -2.66
N SER A 113 12.39 5.76 -1.43
CA SER A 113 13.06 4.97 -0.38
C SER A 113 13.06 3.48 -0.57
N TYR A 114 12.26 2.95 -1.48
CA TYR A 114 12.14 1.52 -1.59
C TYR A 114 13.45 0.81 -1.93
N LEU A 115 14.28 1.45 -2.70
CA LEU A 115 15.61 0.89 -3.00
C LEU A 115 16.58 0.93 -1.87
N SER A 116 16.38 1.87 -0.92
CA SER A 116 17.10 1.91 0.32
C SER A 116 16.66 0.74 1.15
N TYR A 117 15.37 0.38 1.08
CA TYR A 117 14.87 -0.77 1.87
C TYR A 117 15.51 -2.04 1.38
N LEU A 118 15.72 -2.12 0.08
CA LEU A 118 16.41 -3.24 -0.54
C LEU A 118 17.94 -3.27 -0.28
N GLN A 119 18.44 -2.21 0.37
CA GLN A 119 19.83 -2.04 0.69
C GLN A 119 20.74 -1.93 -0.51
N VAL A 120 20.23 -1.41 -1.63
CA VAL A 120 21.05 -1.35 -2.79
C VAL A 120 22.14 -0.31 -2.56
N GLU A 121 23.37 -0.65 -2.98
CA GLU A 121 24.49 0.22 -2.77
C GLU A 121 24.21 1.62 -3.30
N ASN A 122 24.46 2.60 -2.43
CA ASN A 122 24.33 4.04 -2.74
C ASN A 122 22.91 4.58 -2.86
N ALA A 123 21.90 3.73 -2.72
CA ALA A 123 20.50 4.23 -2.87
C ALA A 123 20.20 5.41 -1.92
N GLN A 124 20.51 5.23 -0.64
CA GLN A 124 20.27 6.32 0.36
C GLN A 124 21.06 7.57 0.08
N ASP A 125 22.32 7.43 -0.35
CA ASP A 125 23.08 8.63 -0.73
C ASP A 125 22.48 9.30 -1.88
N ILE A 126 21.93 8.55 -2.81
CA ILE A 126 21.35 9.24 -3.99
C ILE A 126 20.04 10.01 -3.62
N ILE A 127 19.20 9.39 -2.83
CA ILE A 127 17.97 9.99 -2.31
C ILE A 127 18.36 11.25 -1.54
N ASP A 128 19.50 11.22 -0.85
CA ASP A 128 19.99 12.43 -0.08
C ASP A 128 20.71 13.44 -0.94
N GLY A 129 20.90 13.14 -2.21
CA GLY A 129 21.57 14.05 -3.12
C GLY A 129 23.12 14.06 -3.03
N LYS A 130 23.68 13.17 -2.22
CA LYS A 130 25.13 13.02 -2.05
C LYS A 130 25.88 12.36 -3.19
N LYS A 131 25.18 11.47 -3.93
CA LYS A 131 25.72 10.84 -5.12
C LYS A 131 24.73 10.95 -6.26
N LYS A 132 25.24 10.86 -7.48
CA LYS A 132 24.43 10.97 -8.67
C LYS A 132 23.72 9.65 -8.91
N PRO A 133 22.52 9.71 -9.49
CA PRO A 133 21.73 8.46 -9.70
C PRO A 133 22.54 7.38 -10.43
N ALA A 134 23.50 7.76 -11.30
CA ALA A 134 24.35 6.77 -11.96
C ALA A 134 25.26 5.97 -11.03
N GLU A 135 25.39 6.40 -9.79
CA GLU A 135 26.15 5.65 -8.75
C GLU A 135 25.41 4.50 -8.10
N LEU A 136 24.13 4.36 -8.47
CA LEU A 136 23.34 3.28 -7.90
C LEU A 136 23.96 1.92 -8.17
N GLY A 137 23.99 1.03 -7.17
CA GLY A 137 24.56 -0.29 -7.31
C GLY A 137 23.79 -1.32 -8.12
N VAL A 138 23.30 -0.92 -9.30
CA VAL A 138 22.70 -1.87 -10.21
C VAL A 138 23.38 -1.68 -11.58
N GLU A 139 23.44 -2.73 -12.41
CA GLU A 139 24.15 -2.72 -13.66
C GLU A 139 23.56 -3.64 -14.67
N ALA A 140 23.73 -3.27 -15.94
CA ALA A 140 23.49 -4.16 -17.06
C ALA A 140 24.84 -4.79 -17.39
N LYS A 141 25.09 -5.99 -16.90
CA LYS A 141 26.32 -6.67 -17.20
C LYS A 141 26.37 -6.95 -18.70
N ASP A 142 25.24 -7.29 -19.33
CA ASP A 142 25.08 -7.14 -20.78
C ASP A 142 23.65 -6.76 -21.06
N ASP A 143 23.16 -6.80 -22.30
CA ASP A 143 21.80 -6.35 -22.55
C ASP A 143 20.71 -7.12 -21.82
N TYR A 144 21.01 -8.37 -21.45
CA TYR A 144 19.99 -9.22 -20.88
C TYR A 144 20.36 -9.76 -19.52
N THR A 145 21.26 -9.07 -18.84
CA THR A 145 21.71 -9.54 -17.50
C THR A 145 21.73 -8.33 -16.58
N PHE A 146 20.82 -8.29 -15.62
CA PHE A 146 20.64 -7.16 -14.69
C PHE A 146 21.12 -7.62 -13.33
N VAL A 147 22.05 -6.89 -12.73
CA VAL A 147 22.65 -7.35 -11.46
C VAL A 147 22.43 -6.26 -10.41
N VAL A 148 22.04 -6.72 -9.21
CA VAL A 148 21.74 -5.88 -8.09
C VAL A 148 22.69 -6.15 -6.97
N HIS A 149 23.29 -5.10 -6.45
CA HIS A 149 24.30 -5.22 -5.40
C HIS A 149 23.83 -4.57 -4.14
N ALA A 150 23.64 -5.37 -3.09
CA ALA A 150 23.13 -4.89 -1.82
C ALA A 150 24.27 -4.80 -0.79
N THR A 151 24.16 -3.84 0.11
CA THR A 151 25.24 -3.65 1.10
C THR A 151 25.09 -4.52 2.34
N ASN A 152 23.88 -5.03 2.56
CA ASN A 152 23.58 -5.98 3.63
C ASN A 152 22.79 -7.13 3.04
N PRO A 153 22.80 -8.30 3.69
CA PRO A 153 22.05 -9.47 3.29
C PRO A 153 20.58 -9.17 3.18
N VAL A 154 19.95 -9.49 2.05
CA VAL A 154 18.55 -9.26 1.86
C VAL A 154 17.92 -10.52 1.30
N PRO A 155 17.68 -11.50 2.18
CA PRO A 155 17.29 -12.79 1.65
C PRO A 155 15.90 -12.79 1.04
N TYR A 156 15.09 -11.78 1.34
CA TYR A 156 13.74 -11.60 0.81
C TYR A 156 13.73 -10.72 -0.49
N ALA A 157 14.90 -10.47 -1.07
CA ALA A 157 15.02 -9.52 -2.19
C ALA A 157 14.03 -9.80 -3.35
N VAL A 158 13.86 -11.07 -3.69
CA VAL A 158 13.06 -11.38 -4.91
C VAL A 158 11.65 -10.91 -4.69
N SER A 159 11.11 -11.11 -3.49
CA SER A 159 9.75 -10.66 -3.22
C SER A 159 9.64 -9.17 -3.32
N LEU A 160 10.70 -8.46 -2.92
CA LEU A 160 10.66 -6.98 -3.01
C LEU A 160 10.59 -6.52 -4.41
N THR A 161 11.17 -7.29 -5.32
CA THR A 161 11.20 -6.88 -6.75
C THR A 161 9.81 -6.95 -7.43
N THR A 162 8.79 -7.51 -6.78
CA THR A 162 7.46 -7.55 -7.36
C THR A 162 6.66 -6.28 -7.17
N HIS A 163 7.21 -5.29 -6.47
CA HIS A 163 6.43 -4.13 -6.09
C HIS A 163 6.35 -3.15 -7.27
N GLN A 164 5.27 -2.40 -7.33
CA GLN A 164 5.13 -1.42 -8.40
C GLN A 164 6.28 -0.45 -8.60
N SER A 165 6.95 -0.04 -7.53
CA SER A 165 7.98 0.98 -7.66
C SER A 165 9.22 0.48 -8.41
N LEU A 166 9.38 -0.84 -8.50
CA LEU A 166 10.48 -1.47 -9.21
C LEU A 166 10.13 -2.06 -10.57
N LEU A 167 8.99 -1.64 -11.10
CA LEU A 167 8.63 -1.94 -12.48
C LEU A 167 9.60 -1.21 -13.43
N PRO A 168 9.91 -1.81 -14.59
CA PRO A 168 10.77 -1.14 -15.57
C PRO A 168 9.94 -0.06 -16.30
N LEU A 169 10.67 0.84 -16.89
CA LEU A 169 10.09 1.85 -17.79
C LEU A 169 10.78 1.79 -19.11
N PRO A 170 10.09 2.24 -20.17
CA PRO A 170 10.71 2.17 -21.46
C PRO A 170 11.68 3.36 -21.64
N GLN A 171 12.97 3.12 -21.42
CA GLN A 171 13.93 4.20 -21.38
C GLN A 171 13.82 5.10 -22.63
N LYS A 172 13.80 4.52 -23.83
CA LYS A 172 13.87 5.34 -25.05
C LYS A 172 12.68 6.27 -25.11
N VAL A 173 11.52 5.75 -24.72
CA VAL A 173 10.25 6.54 -24.73
C VAL A 173 10.26 7.63 -23.68
N VAL A 174 10.64 7.28 -22.44
CA VAL A 174 10.60 8.25 -21.34
C VAL A 174 11.64 9.36 -21.55
N GLU A 175 12.81 9.01 -22.09
CA GLU A 175 13.89 10.03 -22.31
C GLU A 175 13.43 11.04 -23.38
N LYS A 176 12.73 10.54 -24.38
CA LYS A 176 12.20 11.36 -25.48
C LYS A 176 11.02 12.26 -25.03
N LEU A 177 10.09 11.75 -24.23
CA LEU A 177 8.81 12.44 -23.96
C LEU A 177 8.71 13.04 -22.55
N GLY A 178 9.64 12.68 -21.67
CA GLY A 178 9.58 13.06 -20.27
C GLY A 178 8.37 12.54 -19.56
N ASP A 179 7.90 13.27 -18.55
CA ASP A 179 6.72 12.85 -17.78
C ASP A 179 5.44 12.59 -18.62
N ALA A 180 5.31 13.23 -19.80
CA ALA A 180 4.24 13.02 -20.77
C ALA A 180 4.17 11.62 -21.41
N TRP A 181 5.17 10.79 -21.12
CA TRP A 181 5.16 9.44 -21.65
C TRP A 181 3.92 8.69 -21.19
N VAL A 182 3.33 9.15 -20.09
CA VAL A 182 2.22 8.50 -19.42
C VAL A 182 0.88 8.75 -20.09
N LYS A 183 0.79 9.74 -20.97
CA LYS A 183 -0.47 9.97 -21.64
C LYS A 183 -0.90 8.72 -22.40
N LYS A 184 -2.18 8.46 -22.50
CA LYS A 184 -2.67 7.27 -23.17
C LYS A 184 -2.14 7.07 -24.57
N GLU A 185 -1.97 8.16 -25.35
CA GLU A 185 -1.43 8.09 -26.69
C GLU A 185 0.03 7.69 -26.71
N ASN A 186 0.76 7.89 -25.60
CA ASN A 186 2.20 7.69 -25.60
C ASN A 186 2.62 6.43 -24.76
N TYR A 187 1.72 5.97 -23.88
CA TYR A 187 2.14 4.93 -22.86
C TYR A 187 2.67 3.71 -23.61
N VAL A 188 3.80 3.16 -23.10
CA VAL A 188 4.39 1.94 -23.61
C VAL A 188 4.78 1.14 -22.39
N GLY A 189 4.42 -0.12 -22.45
CA GLY A 189 4.69 -1.08 -21.32
C GLY A 189 4.93 -2.48 -21.73
N ASN A 190 5.28 -3.35 -20.72
CA ASN A 190 5.60 -4.71 -21.03
C ASN A 190 4.77 -5.68 -20.23
N GLY A 191 3.66 -5.19 -19.67
CA GLY A 191 2.67 -6.02 -19.04
C GLY A 191 1.69 -6.68 -20.02
N ALA A 192 0.65 -7.29 -19.47
CA ALA A 192 -0.25 -8.16 -20.26
C ALA A 192 -1.29 -7.31 -21.01
N TYR A 193 -1.43 -6.05 -20.61
CA TYR A 193 -2.46 -5.16 -21.17
C TYR A 193 -1.87 -3.85 -21.54
N LYS A 194 -2.68 -3.13 -22.31
CA LYS A 194 -2.40 -1.74 -22.65
C LYS A 194 -3.68 -0.90 -22.51
N LEU A 195 -3.50 0.43 -22.47
CA LEU A 195 -4.60 1.34 -22.22
C LEU A 195 -5.43 1.54 -23.50
N ALA A 196 -6.70 1.19 -23.41
CA ALA A 196 -7.66 1.42 -24.51
C ALA A 196 -8.36 2.74 -24.39
N ASN A 197 -8.67 3.16 -23.17
CA ASN A 197 -9.42 4.39 -22.93
C ASN A 197 -9.25 4.79 -21.50
N HIS A 198 -9.36 6.09 -21.25
CA HIS A 198 -9.33 6.62 -19.90
C HIS A 198 -10.25 7.83 -19.83
N ILE A 199 -11.34 7.74 -19.07
CA ILE A 199 -12.20 8.90 -18.82
C ILE A 199 -12.11 9.17 -17.35
N ILE A 200 -11.58 10.34 -17.05
CA ILE A 200 -11.30 10.74 -15.67
C ILE A 200 -12.60 10.70 -14.82
N ASN A 201 -12.46 10.05 -13.66
CA ASN A 201 -13.55 9.81 -12.73
C ASN A 201 -14.61 8.80 -13.14
N GLU A 202 -14.45 8.16 -14.29
CA GLU A 202 -15.47 7.27 -14.83
C GLU A 202 -14.92 5.86 -15.08
N LYS A 203 -13.95 5.74 -16.00
CA LYS A 203 -13.45 4.43 -16.31
C LYS A 203 -12.06 4.44 -16.93
N ILE A 204 -11.35 3.34 -16.67
CA ILE A 204 -10.15 2.93 -17.44
C ILE A 204 -10.44 1.64 -18.19
N GLU A 205 -10.19 1.63 -19.50
CA GLU A 205 -10.41 0.44 -20.31
C GLU A 205 -9.08 -0.16 -20.75
N PHE A 206 -8.93 -1.48 -20.51
CA PHE A 206 -7.74 -2.23 -20.92
C PHE A 206 -8.01 -3.15 -22.05
N GLU A 207 -7.00 -3.33 -22.91
CA GLU A 207 -7.05 -4.32 -23.99
C GLU A 207 -5.76 -5.13 -23.92
N ARG A 208 -5.78 -6.36 -24.45
CA ARG A 208 -4.59 -7.17 -24.50
C ARG A 208 -3.38 -6.47 -25.12
N ASN A 209 -2.22 -6.67 -24.53
CA ASN A 209 -0.94 -6.29 -25.15
C ASN A 209 -0.40 -7.50 -25.88
N PRO A 210 -0.59 -7.58 -27.20
CA PRO A 210 -0.20 -8.81 -27.88
C PRO A 210 1.30 -9.08 -27.92
N LEU A 211 2.11 -8.10 -27.54
CA LEU A 211 3.56 -8.23 -27.53
C LEU A 211 4.04 -8.69 -26.17
N TYR A 212 3.15 -8.82 -25.21
CA TYR A 212 3.52 -9.38 -23.89
C TYR A 212 4.10 -10.77 -24.09
N TRP A 213 5.22 -11.09 -23.44
CA TRP A 213 5.92 -12.31 -23.69
C TRP A 213 5.01 -13.53 -23.40
N ASN A 214 4.07 -13.41 -22.46
CA ASN A 214 3.19 -14.54 -22.12
C ASN A 214 1.74 -14.35 -22.55
N ASP A 215 1.52 -13.56 -23.62
CA ASP A 215 0.17 -13.30 -24.10
C ASP A 215 -0.57 -14.62 -24.39
N LYS A 216 0.16 -15.63 -24.81
CA LYS A 216 -0.48 -16.90 -25.14
C LYS A 216 -1.25 -17.50 -23.95
N GLU A 217 -0.91 -17.09 -22.73
CA GLU A 217 -1.62 -17.56 -21.53
C GLU A 217 -2.57 -16.58 -20.95
N THR A 218 -2.68 -15.38 -21.49
CA THR A 218 -3.65 -14.42 -20.98
C THR A 218 -5.05 -14.81 -21.56
N VAL A 219 -6.07 -14.77 -20.74
CA VAL A 219 -7.39 -15.18 -21.13
C VAL A 219 -8.32 -13.96 -21.32
N ILE A 220 -8.35 -13.06 -20.33
CA ILE A 220 -9.20 -11.90 -20.41
C ILE A 220 -8.72 -11.02 -21.57
N ASN A 221 -9.67 -10.67 -22.45
CA ASN A 221 -9.37 -9.85 -23.61
C ASN A 221 -9.50 -8.37 -23.36
N SER A 222 -10.47 -8.02 -22.52
CA SER A 222 -10.71 -6.63 -22.18
C SER A 222 -11.25 -6.46 -20.77
N ALA A 223 -11.00 -5.31 -20.19
CA ALA A 223 -11.41 -5.07 -18.84
C ALA A 223 -11.64 -3.61 -18.62
N THR A 224 -12.55 -3.31 -17.69
CA THR A 224 -12.86 -1.97 -17.30
C THR A 224 -12.66 -1.87 -15.79
N PHE A 225 -11.89 -0.85 -15.39
CA PHE A 225 -11.80 -0.40 -14.01
C PHE A 225 -12.73 0.79 -13.79
N LEU A 226 -13.62 0.66 -12.83
CA LEU A 226 -14.40 1.78 -12.36
C LEU A 226 -13.78 2.48 -11.15
N ALA A 227 -14.34 3.65 -10.85
CA ALA A 227 -13.85 4.56 -9.80
C ALA A 227 -14.98 4.90 -8.80
N ILE A 228 -15.58 3.85 -8.27
CA ILE A 228 -16.71 4.02 -7.34
C ILE A 228 -16.18 4.11 -5.91
N GLU A 229 -16.39 5.27 -5.26
CA GLU A 229 -15.81 5.57 -3.94
C GLU A 229 -16.55 4.95 -2.77
N ASN A 230 -17.86 4.75 -2.91
CA ASN A 230 -18.66 4.29 -1.76
C ASN A 230 -19.10 2.86 -1.86
N PRO A 231 -18.86 2.06 -0.80
CA PRO A 231 -19.24 0.67 -0.87
C PRO A 231 -20.71 0.35 -1.20
N SER A 232 -21.65 1.14 -0.70
CA SER A 232 -23.05 0.84 -0.99
C SER A 232 -23.32 1.02 -2.50
N THR A 233 -22.66 1.95 -3.16
CA THR A 233 -22.78 2.16 -4.59
C THR A 233 -22.19 0.97 -5.37
N ASP A 234 -21.03 0.49 -4.88
CA ASP A 234 -20.32 -0.66 -5.46
C ASP A 234 -21.19 -1.87 -5.42
N VAL A 235 -21.77 -2.14 -4.24
CA VAL A 235 -22.61 -3.30 -4.04
C VAL A 235 -23.90 -3.19 -4.90
N ALA A 236 -24.49 -1.99 -5.04
CA ALA A 236 -25.75 -1.84 -5.82
C ALA A 236 -25.45 -2.09 -7.31
N ARG A 237 -24.31 -1.56 -7.79
CA ARG A 237 -23.87 -1.88 -9.14
C ARG A 237 -23.62 -3.36 -9.39
N TYR A 238 -23.00 -4.02 -8.44
CA TYR A 238 -22.79 -5.43 -8.54
C TYR A 238 -24.10 -6.20 -8.63
N ARG A 239 -25.00 -5.84 -7.73
CA ARG A 239 -26.31 -6.53 -7.69
C ARG A 239 -27.07 -6.33 -9.01
N ALA A 240 -26.94 -5.18 -9.62
CA ALA A 240 -27.62 -4.91 -10.87
C ALA A 240 -26.97 -5.62 -12.07
N GLY A 241 -25.82 -6.28 -11.83
CA GLY A 241 -25.09 -7.00 -12.89
C GLY A 241 -24.17 -6.15 -13.72
N ASP A 242 -23.87 -4.93 -13.28
CA ASP A 242 -23.10 -4.01 -14.04
C ASP A 242 -21.62 -3.94 -13.61
N LEU A 243 -21.21 -4.83 -12.69
CA LEU A 243 -19.79 -4.97 -12.43
C LEU A 243 -19.60 -6.36 -11.86
N ASP A 244 -18.44 -6.94 -12.05
CA ASP A 244 -18.19 -8.29 -11.72
C ASP A 244 -17.40 -8.54 -10.43
N MET A 245 -16.66 -7.53 -9.96
CA MET A 245 -15.87 -7.59 -8.72
C MET A 245 -15.90 -6.22 -8.08
N THR A 246 -16.37 -6.15 -6.84
CA THR A 246 -16.32 -4.89 -6.07
C THR A 246 -14.87 -4.59 -5.76
N SER A 247 -14.66 -3.38 -5.27
CA SER A 247 -13.40 -3.08 -4.60
C SER A 247 -13.46 -3.78 -3.24
N TYR A 248 -12.36 -3.68 -2.49
CA TYR A 248 -12.38 -4.18 -1.14
C TYR A 248 -13.31 -3.25 -0.37
N GLY A 249 -14.09 -3.82 0.49
CA GLY A 249 -14.85 -3.06 1.48
C GLY A 249 -16.32 -3.20 1.13
N LEU A 250 -17.10 -3.44 2.16
CA LEU A 250 -18.52 -3.65 1.99
C LEU A 250 -19.17 -2.91 3.11
N PRO A 251 -20.45 -2.52 2.91
CA PRO A 251 -21.22 -1.79 3.94
C PRO A 251 -21.40 -2.59 5.19
N PRO A 252 -21.07 -2.03 6.35
CA PRO A 252 -21.09 -2.96 7.53
C PRO A 252 -22.50 -3.45 7.87
N GLU A 253 -23.49 -2.59 7.60
CA GLU A 253 -24.92 -2.84 7.89
C GLU A 253 -25.47 -3.98 6.99
N GLN A 254 -24.84 -4.21 5.84
CA GLN A 254 -25.26 -5.24 4.88
C GLN A 254 -24.47 -6.53 4.88
N PHE A 255 -23.37 -6.57 5.62
CA PHE A 255 -22.42 -7.60 5.49
C PHE A 255 -22.99 -8.98 5.82
N ALA A 256 -23.64 -9.14 6.98
CA ALA A 256 -24.17 -10.49 7.35
C ALA A 256 -25.18 -10.97 6.32
N LYS A 257 -26.03 -10.07 5.84
CA LYS A 257 -27.02 -10.40 4.85
C LYS A 257 -26.38 -10.79 3.50
N LEU A 258 -25.41 -10.00 3.06
CA LEU A 258 -24.72 -10.27 1.79
C LEU A 258 -24.14 -11.65 1.83
N LYS A 259 -23.52 -11.99 2.95
CA LYS A 259 -22.90 -13.29 3.07
C LYS A 259 -23.88 -14.43 2.89
N LYS A 260 -25.07 -14.27 3.44
CA LYS A 260 -26.04 -15.37 3.35
C LYS A 260 -26.75 -15.35 2.01
N GLU A 261 -27.09 -14.16 1.53
CA GLU A 261 -27.83 -14.09 0.29
C GLU A 261 -26.98 -14.38 -0.95
N LEU A 262 -25.74 -13.89 -0.93
CA LEU A 262 -24.88 -14.05 -2.09
C LEU A 262 -23.83 -15.08 -1.74
N LEU A 263 -24.26 -16.17 -1.12
CA LEU A 263 -23.34 -17.19 -0.64
C LEU A 263 -22.48 -17.72 -1.79
N GLY A 264 -21.18 -17.77 -1.55
CA GLY A 264 -20.15 -18.15 -2.53
C GLY A 264 -19.57 -16.91 -3.28
N GLU A 265 -20.14 -15.73 -3.06
CA GLU A 265 -19.66 -14.55 -3.80
C GLU A 265 -18.89 -13.61 -2.88
N VAL A 266 -18.98 -13.84 -1.57
CA VAL A 266 -18.30 -12.94 -0.63
C VAL A 266 -16.99 -13.61 -0.26
N TYR A 267 -15.91 -12.97 -0.63
CA TYR A 267 -14.56 -13.37 -0.26
C TYR A 267 -14.06 -12.50 0.86
N VAL A 268 -13.42 -13.10 1.87
CA VAL A 268 -12.84 -12.28 2.93
C VAL A 268 -11.81 -13.09 3.71
N THR A 269 -10.71 -12.44 4.05
CA THR A 269 -9.69 -13.04 4.92
C THR A 269 -8.89 -11.92 5.61
N ARG A 270 -8.15 -12.26 6.65
CA ARG A 270 -7.31 -11.23 7.26
C ARG A 270 -6.16 -10.82 6.33
N THR A 271 -5.78 -9.57 6.49
CA THR A 271 -4.95 -8.92 5.52
C THR A 271 -3.76 -8.33 6.24
N LEU A 272 -2.63 -8.25 5.53
CA LEU A 272 -1.42 -7.54 6.05
C LEU A 272 -1.57 -6.06 5.82
N GLY A 273 -2.48 -5.49 6.60
CA GLY A 273 -2.78 -4.11 6.54
C GLY A 273 -3.11 -3.56 7.93
N THR A 274 -2.78 -2.30 8.13
CA THR A 274 -3.09 -1.57 9.37
C THR A 274 -3.76 -0.22 9.09
N TYR A 275 -4.92 -0.04 9.71
CA TYR A 275 -5.70 1.18 9.67
C TYR A 275 -5.37 2.01 10.88
N SER A 276 -5.05 3.29 10.67
CA SER A 276 -4.60 4.24 11.76
C SER A 276 -5.11 5.60 11.51
N TYR A 277 -5.07 6.44 12.55
CA TYR A 277 -5.04 7.88 12.33
C TYR A 277 -3.59 8.32 12.49
N GLU A 278 -3.06 8.91 11.43
CA GLU A 278 -1.68 9.39 11.44
C GLU A 278 -1.71 10.81 11.99
N LEU A 279 -0.83 11.08 12.95
CA LEU A 279 -0.73 12.38 13.54
C LEU A 279 0.43 13.16 12.92
N ASN A 280 0.22 14.44 12.61
CA ASN A 280 1.27 15.24 12.07
C ASN A 280 2.26 15.66 13.13
N ASN A 281 3.36 14.92 13.24
CA ASN A 281 4.25 15.08 14.40
C ASN A 281 5.04 16.41 14.41
N LYS A 282 4.99 17.17 13.33
CA LYS A 282 5.66 18.48 13.26
C LYS A 282 4.70 19.67 13.22
N LYS A 283 3.42 19.41 13.45
CA LYS A 283 2.42 20.45 13.48
C LYS A 283 1.89 20.58 14.90
N ALA A 284 1.94 21.76 15.48
CA ALA A 284 1.27 21.95 16.76
C ALA A 284 -0.22 21.67 16.66
N PRO A 285 -0.80 20.98 17.66
CA PRO A 285 -0.10 20.60 18.86
C PRO A 285 0.32 19.13 18.88
N PHE A 286 0.34 18.45 17.72
CA PHE A 286 0.72 17.03 17.74
C PHE A 286 2.20 16.70 17.84
N ASP A 287 3.03 17.75 17.89
CA ASP A 287 4.40 17.66 18.19
C ASP A 287 4.58 17.40 19.72
N ASN A 288 3.48 17.50 20.47
CA ASN A 288 3.51 17.19 21.92
C ASN A 288 3.15 15.76 22.20
N VAL A 289 4.10 14.99 22.71
CA VAL A 289 3.86 13.58 22.95
C VAL A 289 2.70 13.36 23.92
N ASN A 290 2.53 14.29 24.88
CA ASN A 290 1.45 14.19 25.82
C ASN A 290 0.10 14.14 25.16
N ILE A 291 -0.08 14.97 24.14
CA ILE A 291 -1.34 14.96 23.42
C ILE A 291 -1.52 13.73 22.53
N ARG A 292 -0.46 13.32 21.85
CA ARG A 292 -0.50 12.10 21.07
C ARG A 292 -0.86 10.92 21.95
N LYS A 293 -0.34 10.94 23.17
CA LYS A 293 -0.66 9.87 24.15
C LYS A 293 -2.14 9.89 24.55
N ALA A 294 -2.68 11.07 24.84
CA ALA A 294 -4.09 11.22 25.29
C ALA A 294 -5.01 10.68 24.21
N LEU A 295 -4.74 11.03 22.95
CA LEU A 295 -5.59 10.51 21.83
C LEU A 295 -5.56 8.96 21.76
N ASN A 296 -4.40 8.37 21.93
CA ASN A 296 -4.25 6.93 21.90
C ASN A 296 -5.00 6.31 23.07
N LEU A 297 -4.83 6.87 24.26
CA LEU A 297 -5.55 6.32 25.44
C LEU A 297 -7.06 6.33 25.31
N SER A 298 -7.63 7.40 24.74
CA SER A 298 -9.05 7.61 24.80
C SER A 298 -9.81 7.07 23.60
N LEU A 299 -9.12 6.44 22.64
CA LEU A 299 -9.83 5.81 21.53
C LEU A 299 -10.03 4.35 21.82
N ASP A 300 -11.31 3.94 21.90
CA ASP A 300 -11.65 2.57 22.15
C ASP A 300 -11.73 1.84 20.81
N ARG A 301 -10.68 1.07 20.51
CA ARG A 301 -10.57 0.32 19.27
C ARG A 301 -11.74 -0.66 19.06
N ASN A 302 -12.17 -1.30 20.16
CA ASN A 302 -13.22 -2.32 20.08
C ASN A 302 -14.54 -1.78 19.63
N VAL A 303 -14.87 -0.54 20.00
CA VAL A 303 -16.05 0.11 19.42
C VAL A 303 -16.01 0.09 17.87
N ILE A 304 -14.85 0.39 17.31
CA ILE A 304 -14.70 0.49 15.86
C ILE A 304 -14.77 -0.92 15.25
N THR A 305 -14.00 -1.87 15.78
CA THR A 305 -13.93 -3.18 15.14
C THR A 305 -15.21 -4.01 15.39
N ASP A 306 -15.81 -3.90 16.58
CA ASP A 306 -17.04 -4.71 16.91
C ASP A 306 -18.37 -4.00 16.56
N LYS A 307 -18.50 -2.70 16.75
CA LYS A 307 -19.81 -2.05 16.57
C LYS A 307 -19.94 -1.26 15.28
N VAL A 308 -18.86 -0.61 14.87
CA VAL A 308 -18.93 0.20 13.64
C VAL A 308 -18.75 -0.71 12.45
N LEU A 309 -17.75 -1.60 12.50
CA LEU A 309 -17.41 -2.44 11.35
C LEU A 309 -17.95 -3.85 11.45
N GLY A 310 -17.39 -4.65 12.36
CA GLY A 310 -17.87 -5.99 12.61
C GLY A 310 -17.60 -7.03 11.54
N GLN A 311 -16.62 -6.80 10.66
CA GLN A 311 -16.39 -7.67 9.51
C GLN A 311 -15.21 -8.59 9.70
N GLY A 312 -14.64 -8.60 10.92
CA GLY A 312 -13.47 -9.41 11.22
C GLY A 312 -12.18 -8.57 11.39
N GLN A 313 -12.25 -7.24 11.21
CA GLN A 313 -11.14 -6.36 11.59
C GLN A 313 -10.83 -6.61 13.03
N THR A 314 -9.54 -6.67 13.34
CA THR A 314 -9.08 -6.92 14.72
C THR A 314 -8.36 -5.69 15.29
N PRO A 315 -8.64 -5.35 16.54
CA PRO A 315 -8.05 -4.19 17.13
C PRO A 315 -6.53 -4.35 17.23
N THR A 316 -5.82 -3.23 17.10
CA THR A 316 -4.36 -3.23 17.26
C THR A 316 -3.92 -1.88 17.77
N TYR A 317 -2.77 -1.85 18.45
CA TYR A 317 -2.24 -0.62 19.07
C TYR A 317 -0.80 -0.38 18.61
N VAL A 318 -0.37 -1.15 17.61
CA VAL A 318 0.96 -1.06 17.03
C VAL A 318 0.82 -0.96 15.50
N PHE A 319 1.88 -0.57 14.81
CA PHE A 319 1.77 -0.33 13.35
C PHE A 319 1.90 -1.64 12.53
N THR A 320 2.96 -2.42 12.81
CA THR A 320 3.17 -3.70 12.12
C THR A 320 2.10 -4.75 12.51
N PRO A 321 1.45 -5.42 11.54
CA PRO A 321 0.59 -6.52 11.98
C PRO A 321 1.49 -7.60 12.59
N THR A 322 1.17 -8.05 13.78
CA THR A 322 2.11 -8.97 14.47
C THR A 322 2.20 -10.35 13.82
N TYR A 323 1.23 -10.69 13.01
CA TYR A 323 1.24 -11.96 12.25
C TYR A 323 2.00 -11.91 10.96
N ILE A 324 2.64 -10.79 10.60
CA ILE A 324 3.47 -10.74 9.41
C ILE A 324 4.73 -11.54 9.67
N GLU A 325 5.42 -11.96 8.61
CA GLU A 325 6.62 -12.77 8.75
C GLU A 325 7.71 -11.96 9.52
N GLU A 326 8.19 -12.54 10.63
CA GLU A 326 9.20 -11.95 11.50
C GLU A 326 8.64 -10.85 12.41
N GLY A 327 7.30 -10.79 12.50
CA GLY A 327 6.64 -9.82 13.38
C GLY A 327 6.26 -10.37 14.74
N HIS A 328 6.55 -11.63 14.97
CA HIS A 328 5.98 -12.32 16.12
C HIS A 328 6.43 -11.83 17.49
N LEU A 329 7.56 -11.14 17.59
CA LEU A 329 8.01 -10.66 18.91
C LEU A 329 7.43 -9.30 19.28
N ILE A 330 6.78 -8.65 18.33
CA ILE A 330 6.25 -7.33 18.62
C ILE A 330 5.13 -7.47 19.66
N GLN A 331 5.14 -6.64 20.69
CA GLN A 331 4.12 -6.67 21.73
C GLN A 331 3.15 -5.52 21.64
N GLN A 332 1.88 -5.80 21.95
CA GLN A 332 0.90 -4.71 22.15
C GLN A 332 1.26 -3.95 23.44
N PRO A 333 1.05 -2.62 23.48
CA PRO A 333 1.50 -1.82 24.65
C PRO A 333 0.59 -2.06 25.86
N ALA A 334 1.17 -1.87 27.06
CA ALA A 334 0.45 -2.18 28.31
C ALA A 334 -0.85 -1.42 28.48
N TYR A 335 -0.97 -0.20 27.98
CA TYR A 335 -2.23 0.53 28.17
C TYR A 335 -3.40 -0.15 27.55
N SER A 336 -3.14 -0.94 26.51
CA SER A 336 -4.22 -1.61 25.81
C SER A 336 -4.89 -2.64 26.71
N LYS A 337 -4.18 -3.06 27.77
CA LYS A 337 -4.76 -3.98 28.75
C LYS A 337 -5.48 -3.25 29.93
N GLU A 338 -5.43 -1.91 30.00
CA GLU A 338 -6.14 -1.16 31.06
C GLU A 338 -7.60 -1.04 30.73
N PRO A 339 -8.47 -0.98 31.76
CA PRO A 339 -9.85 -0.62 31.56
C PRO A 339 -9.95 0.73 30.90
N MET A 340 -10.98 0.95 30.09
CA MET A 340 -11.16 2.25 29.49
C MET A 340 -11.27 3.37 30.50
N ALA A 341 -11.98 3.14 31.61
CA ALA A 341 -12.16 4.17 32.63
C ALA A 341 -10.82 4.68 33.12
N GLN A 342 -9.83 3.80 33.29
CA GLN A 342 -8.48 4.17 33.69
C GLN A 342 -7.76 4.95 32.58
N ARG A 343 -7.83 4.40 31.36
CA ARG A 343 -7.25 5.09 30.20
C ARG A 343 -7.83 6.48 30.01
N ASN A 344 -9.14 6.60 30.16
CA ASN A 344 -9.81 7.88 29.93
C ASN A 344 -9.45 8.95 30.97
N GLU A 345 -9.31 8.53 32.23
CA GLU A 345 -8.91 9.48 33.28
C GLU A 345 -7.50 9.99 33.00
N GLU A 346 -6.65 9.07 32.53
CA GLU A 346 -5.26 9.39 32.18
C GLU A 346 -5.27 10.40 31.03
N ALA A 347 -6.11 10.14 30.03
CA ALA A 347 -6.17 11.07 28.91
C ALA A 347 -6.62 12.45 29.29
N ILE A 348 -7.67 12.53 30.13
CA ILE A 348 -8.16 13.80 30.61
C ILE A 348 -7.07 14.61 31.36
N LYS A 349 -6.32 13.95 32.23
CA LYS A 349 -5.21 14.61 32.95
C LYS A 349 -4.17 15.17 31.99
N LEU A 350 -3.86 14.38 30.94
CA LEU A 350 -2.88 14.84 29.95
C LEU A 350 -3.39 16.05 29.24
N LEU A 351 -4.68 16.04 28.91
CA LEU A 351 -5.18 17.19 28.15
C LEU A 351 -5.30 18.41 29.03
N GLU A 352 -5.66 18.22 30.29
CA GLU A 352 -5.73 19.40 31.18
C GLU A 352 -4.34 19.96 31.45
N GLU A 353 -3.37 19.08 31.61
CA GLU A 353 -1.95 19.47 31.75
C GLU A 353 -1.47 20.28 30.54
N ALA A 354 -2.05 20.01 29.36
CA ALA A 354 -1.76 20.74 28.15
C ALA A 354 -2.65 21.93 27.88
N GLY A 355 -3.49 22.26 28.84
CA GLY A 355 -4.22 23.52 28.79
C GLY A 355 -5.60 23.44 28.19
N TYR A 356 -6.10 22.22 27.99
CA TYR A 356 -7.45 22.07 27.36
C TYR A 356 -8.55 21.98 28.43
N SER A 357 -9.72 22.46 28.07
CA SER A 357 -10.93 22.39 28.95
C SER A 357 -12.21 22.26 28.12
N LYS A 358 -13.36 22.07 28.75
CA LYS A 358 -14.61 22.10 27.97
C LYS A 358 -14.82 23.36 27.22
N ALA A 359 -14.43 24.46 27.84
CA ALA A 359 -14.60 25.77 27.20
C ALA A 359 -13.57 25.98 26.09
N ASN A 360 -12.44 25.33 26.21
CA ASN A 360 -11.30 25.56 25.30
C ASN A 360 -10.79 24.18 24.94
N PRO A 361 -11.61 23.41 24.20
CA PRO A 361 -11.19 22.07 23.83
C PRO A 361 -10.03 22.02 22.82
N LEU A 362 -9.42 20.84 22.74
CA LEU A 362 -8.52 20.47 21.65
C LEU A 362 -9.35 20.30 20.38
N LYS A 363 -9.10 21.15 19.39
CA LYS A 363 -9.87 21.15 18.17
C LYS A 363 -9.00 20.74 16.99
N PHE A 364 -9.46 19.76 16.24
CA PHE A 364 -8.81 19.39 14.97
C PHE A 364 -9.81 18.74 13.99
N SER A 365 -9.37 18.56 12.73
CA SER A 365 -10.12 17.81 11.73
C SER A 365 -9.47 16.48 11.41
N ILE A 366 -10.31 15.48 11.20
CA ILE A 366 -9.87 14.21 10.65
C ILE A 366 -9.97 14.33 9.12
N LEU A 367 -8.83 14.37 8.45
CA LEU A 367 -8.77 14.29 6.99
C LEU A 367 -8.96 12.83 6.53
N TYR A 368 -9.87 12.60 5.59
CA TYR A 368 -10.04 11.24 5.04
C TYR A 368 -10.46 11.34 3.61
N ASN A 369 -10.21 10.26 2.85
CA ASN A 369 -10.62 10.20 1.47
C ASN A 369 -12.05 9.73 1.35
N THR A 370 -12.82 10.43 0.51
CA THR A 370 -14.25 10.18 0.32
C THR A 370 -14.58 8.69 0.22
N ASN A 371 -15.39 8.21 1.15
CA ASN A 371 -15.68 6.77 1.33
C ASN A 371 -16.53 6.70 2.58
N GLU A 372 -17.73 6.15 2.46
CA GLU A 372 -18.72 6.12 3.57
C GLU A 372 -18.23 5.33 4.76
N ASN A 373 -17.45 4.28 4.52
CA ASN A 373 -16.87 3.50 5.63
C ASN A 373 -15.83 4.32 6.43
N HIS A 374 -14.94 5.06 5.74
CA HIS A 374 -14.03 5.95 6.44
C HIS A 374 -14.82 7.02 7.23
N LYS A 375 -15.88 7.53 6.62
CA LYS A 375 -16.73 8.49 7.32
C LYS A 375 -17.29 7.92 8.61
N LYS A 376 -17.79 6.69 8.56
CA LYS A 376 -18.39 6.06 9.72
C LYS A 376 -17.40 5.92 10.87
N VAL A 377 -16.19 5.54 10.50
CA VAL A 377 -15.12 5.36 11.49
C VAL A 377 -14.75 6.72 12.06
N ALA A 378 -14.63 7.77 11.23
CA ALA A 378 -14.31 9.11 11.69
C ALA A 378 -15.40 9.66 12.61
N ILE A 379 -16.68 9.46 12.24
CA ILE A 379 -17.78 9.89 13.14
C ILE A 379 -17.67 9.23 14.51
N ALA A 380 -17.45 7.94 14.50
CA ALA A 380 -17.25 7.20 15.75
C ALA A 380 -16.07 7.68 16.58
N ALA A 381 -14.92 7.87 15.91
CA ALA A 381 -13.75 8.42 16.60
C ALA A 381 -14.01 9.83 17.18
N ALA A 382 -14.58 10.71 16.40
CA ALA A 382 -14.89 12.04 16.89
C ALA A 382 -15.76 11.92 18.16
N SER A 383 -16.79 11.09 18.07
CA SER A 383 -17.74 10.89 19.14
C SER A 383 -17.07 10.33 20.41
N MET A 384 -16.21 9.33 20.26
CA MET A 384 -15.53 8.75 21.42
C MET A 384 -14.55 9.75 22.06
N TRP A 385 -13.83 10.48 21.23
CA TRP A 385 -12.81 11.38 21.76
C TRP A 385 -13.48 12.47 22.58
N LYS A 386 -14.56 13.04 22.06
CA LYS A 386 -15.34 14.02 22.85
C LYS A 386 -15.90 13.44 24.13
N ALA A 387 -16.58 12.29 24.03
CA ALA A 387 -17.29 11.74 25.19
C ALA A 387 -16.33 11.23 26.22
N ASN A 388 -15.29 10.51 25.76
CA ASN A 388 -14.40 9.87 26.66
C ASN A 388 -13.54 10.85 27.47
N THR A 389 -13.35 12.04 26.91
CA THR A 389 -12.57 13.07 27.59
C THR A 389 -13.48 14.12 28.23
N LYS A 390 -14.78 13.83 28.32
CA LYS A 390 -15.78 14.80 28.86
C LYS A 390 -15.70 16.18 28.27
N GLY A 391 -15.57 16.26 26.95
CA GLY A 391 -15.66 17.54 26.24
C GLY A 391 -14.35 18.25 25.94
N LEU A 392 -13.23 17.59 26.24
CA LEU A 392 -11.92 18.20 26.08
C LEU A 392 -11.32 18.11 24.64
N ILE A 393 -11.95 17.29 23.80
CA ILE A 393 -11.62 17.20 22.36
C ILE A 393 -12.88 17.46 21.56
N ASP A 394 -12.76 18.28 20.52
CA ASP A 394 -13.83 18.58 19.58
C ASP A 394 -13.31 18.40 18.15
N VAL A 395 -13.86 17.40 17.46
CA VAL A 395 -13.30 16.98 16.19
C VAL A 395 -14.26 17.27 15.00
N LYS A 396 -13.73 17.79 13.92
CA LYS A 396 -14.50 17.99 12.66
C LYS A 396 -14.03 16.94 11.64
N LEU A 397 -14.83 16.73 10.60
CA LEU A 397 -14.41 15.80 9.53
C LEU A 397 -14.06 16.59 8.29
N GLU A 398 -12.98 16.23 7.59
CA GLU A 398 -12.70 16.83 6.31
C GLU A 398 -12.54 15.77 5.24
N ASN A 399 -13.53 15.57 4.39
CA ASN A 399 -13.37 14.57 3.34
C ASN A 399 -12.81 15.20 2.08
N GLN A 400 -11.82 14.55 1.48
CA GLN A 400 -11.24 15.04 0.20
C GLN A 400 -11.25 13.88 -0.80
N GLU A 401 -11.39 14.20 -2.09
CA GLU A 401 -11.22 13.18 -3.14
C GLU A 401 -9.80 12.56 -2.99
N TRP A 402 -9.66 11.29 -3.35
CA TRP A 402 -8.40 10.53 -3.21
C TRP A 402 -7.15 11.30 -3.56
N LYS A 403 -7.06 11.82 -4.79
CA LYS A 403 -5.89 12.52 -5.27
C LYS A 403 -5.56 13.69 -4.35
N THR A 404 -6.59 14.43 -3.95
CA THR A 404 -6.41 15.59 -3.09
C THR A 404 -5.96 15.22 -1.67
N TYR A 405 -6.56 14.16 -1.17
CA TYR A 405 -6.21 13.58 0.14
C TYR A 405 -4.74 13.17 0.17
N ILE A 406 -4.29 12.50 -0.88
CA ILE A 406 -2.91 12.04 -0.96
C ILE A 406 -1.99 13.24 -0.93
N ASP A 407 -2.30 14.25 -1.74
CA ASP A 407 -1.46 15.41 -1.77
C ASP A 407 -1.40 16.18 -0.44
N SER A 408 -2.54 16.25 0.26
CA SER A 408 -2.63 16.91 1.56
C SER A 408 -1.77 16.22 2.57
N ARG A 409 -1.84 14.90 2.57
CA ARG A 409 -0.97 14.12 3.52
C ARG A 409 0.51 14.37 3.22
N ARG A 410 0.89 14.29 1.97
CA ARG A 410 2.31 14.43 1.61
C ARG A 410 2.84 15.83 1.87
N ALA A 411 1.98 16.84 1.69
CA ALA A 411 2.33 18.23 1.96
C ALA A 411 2.31 18.60 3.44
N GLY A 412 1.86 17.71 4.32
CA GLY A 412 1.67 18.08 5.75
C GLY A 412 0.50 19.00 6.03
N ARG A 413 -0.48 19.09 5.11
CA ARG A 413 -1.65 19.96 5.31
C ARG A 413 -2.74 19.18 5.97
N TYR A 414 -2.47 18.72 7.18
CA TYR A 414 -3.44 18.01 7.95
C TYR A 414 -3.00 18.02 9.40
N ASP A 415 -3.90 17.71 10.30
CA ASP A 415 -3.64 17.55 11.75
C ASP A 415 -3.60 16.07 12.02
N VAL A 416 -4.69 15.42 11.69
CA VAL A 416 -4.89 14.02 11.91
C VAL A 416 -5.49 13.47 10.60
N ALA A 417 -4.91 12.38 10.06
CA ALA A 417 -5.37 11.83 8.75
C ALA A 417 -5.66 10.34 8.86
N ARG A 418 -6.81 9.95 8.36
CA ARG A 418 -7.08 8.54 8.14
C ARG A 418 -5.95 7.96 7.25
N ALA A 419 -5.41 6.79 7.65
CA ALA A 419 -4.30 6.16 6.98
C ALA A 419 -4.57 4.66 6.89
N GLY A 420 -3.94 4.00 5.92
CA GLY A 420 -4.13 2.53 5.80
C GLY A 420 -2.95 2.05 5.00
N TRP A 421 -2.06 1.29 5.64
CA TRP A 421 -0.87 0.81 4.97
C TRP A 421 -0.94 -0.67 4.74
N HIS A 422 -0.75 -1.07 3.49
CA HIS A 422 -0.73 -2.43 3.10
C HIS A 422 0.69 -2.90 2.92
N ALA A 423 1.01 -4.10 3.37
CA ALA A 423 2.30 -4.66 3.07
C ALA A 423 2.62 -4.65 1.58
N ASP A 424 3.85 -4.29 1.26
CA ASP A 424 4.34 -4.37 -0.08
C ASP A 424 5.01 -5.72 -0.37
N TYR A 425 5.41 -6.41 0.68
CA TYR A 425 6.04 -7.72 0.62
C TYR A 425 5.84 -8.34 2.00
N ASN A 426 5.93 -9.67 2.08
CA ASN A 426 5.48 -10.38 3.28
C ASN A 426 6.66 -10.51 4.23
N GLN A 427 7.10 -9.38 4.78
CA GLN A 427 8.17 -9.38 5.75
C GLN A 427 8.06 -8.09 6.53
N ALA A 428 8.34 -8.13 7.82
CA ALA A 428 7.94 -7.04 8.74
C ALA A 428 8.43 -5.65 8.34
N THR A 429 9.59 -5.56 7.65
CA THR A 429 10.19 -4.27 7.34
C THR A 429 9.33 -3.44 6.37
N THR A 430 8.39 -4.06 5.67
CA THR A 430 7.47 -3.25 4.83
C THR A 430 6.69 -2.23 5.72
N PHE A 431 6.50 -2.58 6.98
CA PHE A 431 5.94 -1.66 7.99
C PHE A 431 7.02 -0.95 8.71
N GLY A 432 8.01 -1.68 9.23
CA GLY A 432 9.03 -1.04 10.05
C GLY A 432 9.71 0.14 9.33
N ASN A 433 10.03 -0.04 8.06
CA ASN A 433 10.75 0.97 7.31
C ASN A 433 9.95 2.25 7.09
N TYR A 434 8.63 2.17 7.19
CA TYR A 434 7.79 3.35 6.97
C TYR A 434 8.15 4.50 7.89
N PHE A 435 8.47 4.19 9.14
CA PHE A 435 8.70 5.27 10.15
C PHE A 435 10.16 5.67 10.35
N LEU A 436 11.04 5.22 9.47
CA LEU A 436 12.38 5.78 9.44
C LEU A 436 12.28 7.28 9.22
N SER A 437 13.15 8.06 9.91
CA SER A 437 13.09 9.54 9.83
C SER A 437 13.25 10.00 8.42
N ASN A 438 14.03 9.27 7.61
CA ASN A 438 14.32 9.66 6.23
C ASN A 438 13.52 8.86 5.18
N SER A 439 12.51 8.13 5.62
CA SER A 439 11.69 7.39 4.66
C SER A 439 10.82 8.34 3.82
N SER A 440 10.82 8.16 2.52
CA SER A 440 9.92 8.94 1.59
C SER A 440 8.43 8.61 1.87
N ASN A 441 8.11 7.46 2.50
CA ASN A 441 6.75 7.10 2.79
C ASN A 441 6.21 7.78 4.08
N ASN A 442 7.09 8.38 4.89
CA ASN A 442 6.75 8.82 6.25
C ASN A 442 6.15 10.22 6.17
N THR A 443 4.84 10.29 5.93
CA THR A 443 4.15 11.55 5.88
C THR A 443 3.66 12.01 7.25
N ALA A 444 3.88 11.22 8.31
CA ALA A 444 3.63 11.63 9.68
C ALA A 444 4.73 12.61 10.18
N LYS A 445 5.87 12.65 9.51
CA LYS A 445 7.07 13.39 9.96
C LYS A 445 7.50 12.96 11.34
N TYR A 446 7.32 11.68 11.59
CA TYR A 446 7.85 11.05 12.76
C TYR A 446 9.34 10.93 12.61
N ALA A 447 10.08 11.27 13.66
CA ALA A 447 11.54 11.06 13.58
C ALA A 447 12.12 10.81 14.97
N ASN A 448 12.71 9.65 15.17
CA ASN A 448 13.42 9.35 16.44
C ASN A 448 14.69 8.60 16.07
N PRO A 449 15.89 9.15 16.37
CA PRO A 449 17.12 8.45 15.99
C PRO A 449 17.22 7.09 16.61
N GLU A 450 16.56 6.85 17.74
CA GLU A 450 16.57 5.52 18.37
C GLU A 450 15.80 4.51 17.56
N TYR A 451 14.73 5.00 16.93
CA TYR A 451 13.91 4.16 16.02
C TYR A 451 14.77 3.79 14.81
N ASP A 452 15.39 4.81 14.17
CA ASP A 452 16.28 4.61 13.04
C ASP A 452 17.38 3.63 13.36
N LYS A 453 17.94 3.71 14.56
CA LYS A 453 19.04 2.82 14.95
C LYS A 453 18.55 1.38 15.16
N ALA A 454 17.38 1.20 15.75
CA ALA A 454 16.88 -0.15 15.97
C ALA A 454 16.64 -0.81 14.59
N MET A 455 16.09 -0.06 13.63
CA MET A 455 15.92 -0.63 12.28
C MET A 455 17.25 -0.82 11.57
N ALA A 456 18.14 0.16 11.67
CA ALA A 456 19.47 0.04 11.07
C ALA A 456 20.20 -1.22 11.55
N GLU A 457 20.06 -1.55 12.82
CA GLU A 457 20.76 -2.70 13.38
C GLU A 457 20.11 -4.00 12.95
N SER A 458 18.88 -3.96 12.46
CA SER A 458 18.23 -5.16 12.00
C SER A 458 18.80 -5.61 10.63
N TYR A 459 19.18 -4.65 9.77
CA TYR A 459 19.59 -4.94 8.39
C TYR A 459 20.87 -5.76 8.32
N ALA A 460 21.71 -5.69 9.34
CA ALA A 460 22.95 -6.48 9.34
C ALA A 460 22.71 -7.90 9.91
N ALA A 461 21.68 -8.06 10.74
CA ALA A 461 21.36 -9.36 11.36
C ALA A 461 21.41 -10.49 10.35
N THR A 462 21.98 -11.62 10.79
CA THR A 462 22.19 -12.79 9.93
C THR A 462 20.97 -13.71 9.91
N ASP A 463 20.09 -13.56 10.89
CA ASP A 463 19.02 -14.53 11.09
C ASP A 463 17.71 -13.97 11.60
N ALA A 464 16.68 -14.78 11.49
CA ALA A 464 15.29 -14.30 11.64
C ALA A 464 14.96 -13.83 13.03
N GLU A 465 15.47 -14.52 14.05
CA GLU A 465 15.22 -14.12 15.44
C GLU A 465 15.81 -12.76 15.73
N GLY A 466 17.02 -12.47 15.23
CA GLY A 466 17.74 -11.25 15.53
C GLY A 466 16.99 -10.08 14.84
N ARG A 467 16.52 -10.33 13.63
CA ARG A 467 15.68 -9.34 12.92
C ARG A 467 14.40 -9.10 13.72
N ALA A 468 13.71 -10.16 14.14
CA ALA A 468 12.46 -10.05 14.89
C ALA A 468 12.60 -9.31 16.20
N LYS A 469 13.72 -9.50 16.92
CA LYS A 469 13.94 -8.71 18.11
C LYS A 469 14.07 -7.22 17.86
N ALA A 470 14.77 -6.87 16.78
CA ALA A 470 15.03 -5.50 16.43
C ALA A 470 13.67 -4.86 16.05
N TYR A 471 12.82 -5.58 15.32
CA TYR A 471 11.49 -5.02 14.95
C TYR A 471 10.65 -4.81 16.18
N ALA A 472 10.74 -5.72 17.16
CA ALA A 472 10.00 -5.51 18.42
C ALA A 472 10.45 -4.23 19.15
N LYS A 473 11.75 -3.96 19.12
CA LYS A 473 12.27 -2.78 19.78
C LYS A 473 11.81 -1.51 19.03
N ALA A 474 11.88 -1.54 17.70
CA ALA A 474 11.42 -0.38 16.89
C ALA A 474 9.99 -0.07 17.27
N GLU A 475 9.16 -1.07 17.24
CA GLU A 475 7.76 -0.86 17.59
C GLU A 475 7.58 -0.30 19.02
N GLU A 476 8.33 -0.85 19.97
CA GLU A 476 8.33 -0.28 21.32
C GLU A 476 8.67 1.21 21.37
N ILE A 477 9.67 1.67 20.64
CA ILE A 477 10.01 3.09 20.59
C ILE A 477 8.89 3.97 19.94
N LEU A 478 8.39 3.49 18.81
CA LEU A 478 7.28 4.18 18.09
C LEU A 478 6.07 4.25 19.03
N GLY A 479 5.80 3.19 19.77
CA GLY A 479 4.66 3.15 20.69
C GLY A 479 4.84 4.06 21.89
N LYS A 480 6.06 4.15 22.43
CA LYS A 480 6.28 5.07 23.54
C LYS A 480 6.30 6.52 23.12
N ASP A 481 6.50 6.75 21.83
CA ASP A 481 6.45 8.10 21.23
C ASP A 481 5.01 8.48 20.79
N TYR A 482 4.13 7.51 20.86
CA TYR A 482 2.74 7.65 20.38
C TYR A 482 2.73 8.31 19.02
N GLY A 483 3.61 7.83 18.10
CA GLY A 483 3.77 8.55 16.83
C GLY A 483 2.54 8.61 15.96
N ILE A 484 1.73 7.56 16.06
CA ILE A 484 0.45 7.46 15.38
C ILE A 484 -0.60 6.84 16.29
N VAL A 485 -1.83 6.74 15.77
CA VAL A 485 -2.94 6.09 16.44
C VAL A 485 -3.38 4.84 15.64
N PRO A 486 -2.76 3.68 15.91
CA PRO A 486 -3.21 2.47 15.22
C PRO A 486 -4.57 2.09 15.72
N ILE A 487 -5.44 1.59 14.82
CA ILE A 487 -6.82 1.22 15.22
C ILE A 487 -7.09 -0.25 14.99
N PHE A 488 -6.81 -0.76 13.80
CA PHE A 488 -7.12 -2.19 13.54
C PHE A 488 -6.32 -2.72 12.38
N ASN A 489 -6.26 -4.04 12.31
CA ASN A 489 -5.72 -4.77 11.19
C ASN A 489 -6.86 -5.18 10.26
N TYR A 490 -6.58 -5.04 8.96
CA TYR A 490 -7.59 -5.16 7.92
C TYR A 490 -8.08 -6.59 7.67
N VAL A 491 -9.31 -6.69 7.16
CA VAL A 491 -9.72 -7.86 6.33
C VAL A 491 -10.07 -7.24 4.96
N ASN A 492 -10.24 -8.08 3.92
CA ASN A 492 -10.35 -7.63 2.54
C ASN A 492 -11.64 -8.18 1.92
N PRO A 493 -12.79 -7.84 2.50
CA PRO A 493 -14.05 -8.37 1.92
C PRO A 493 -14.34 -7.79 0.55
N ARG A 494 -14.77 -8.65 -0.38
CA ARG A 494 -15.04 -8.24 -1.74
C ARG A 494 -16.16 -9.14 -2.25
N LEU A 495 -17.00 -8.60 -3.13
CA LEU A 495 -17.92 -9.46 -3.84
C LEU A 495 -17.33 -9.77 -5.22
N VAL A 496 -17.46 -11.04 -5.60
CA VAL A 496 -16.95 -11.58 -6.82
C VAL A 496 -17.98 -12.51 -7.46
N LYS A 497 -18.37 -12.22 -8.71
CA LYS A 497 -19.43 -13.01 -9.36
C LYS A 497 -18.99 -14.45 -9.54
N PRO A 498 -19.96 -15.38 -9.55
CA PRO A 498 -19.60 -16.82 -9.58
C PRO A 498 -18.94 -17.26 -10.88
N TYR A 499 -19.17 -16.50 -11.95
CA TYR A 499 -18.55 -16.76 -13.24
C TYR A 499 -17.11 -16.15 -13.39
N VAL A 500 -16.63 -15.47 -12.37
CA VAL A 500 -15.23 -14.99 -12.37
C VAL A 500 -14.34 -16.00 -11.65
N LYS A 501 -13.34 -16.52 -12.33
CA LYS A 501 -12.44 -17.46 -11.69
C LYS A 501 -11.01 -16.91 -11.74
N GLY A 502 -10.15 -17.53 -10.96
CA GLY A 502 -8.78 -17.07 -10.74
C GLY A 502 -8.53 -16.07 -9.63
N TYR A 503 -9.55 -15.69 -8.87
CA TYR A 503 -9.42 -14.83 -7.73
C TYR A 503 -9.55 -15.69 -6.49
N SER A 504 -8.58 -15.61 -5.59
CA SER A 504 -8.69 -16.34 -4.32
C SER A 504 -8.80 -15.38 -3.11
N GLY A 505 -8.23 -14.16 -3.26
CA GLY A 505 -8.06 -13.19 -2.19
C GLY A 505 -7.00 -13.60 -1.17
N LYS A 506 -6.23 -14.66 -1.48
CA LYS A 506 -5.26 -15.19 -0.52
C LYS A 506 -3.85 -14.70 -0.76
N ASP A 507 -3.68 -13.74 -1.67
CA ASP A 507 -2.40 -13.15 -1.97
C ASP A 507 -2.09 -12.20 -0.83
N PRO A 508 -0.99 -12.44 -0.11
CA PRO A 508 -0.70 -11.53 1.02
C PRO A 508 -0.52 -10.05 0.57
N GLN A 509 0.00 -9.82 -0.66
CA GLN A 509 0.15 -8.42 -1.20
C GLN A 509 -1.15 -7.90 -1.82
N ASP A 510 -2.20 -8.75 -1.89
CA ASP A 510 -3.48 -8.41 -2.50
C ASP A 510 -3.31 -7.78 -3.90
N HIS A 511 -2.34 -8.25 -4.67
CA HIS A 511 -2.26 -7.87 -6.08
C HIS A 511 -3.48 -8.52 -6.81
N ILE A 512 -4.01 -7.84 -7.82
CA ILE A 512 -4.95 -8.45 -8.73
C ILE A 512 -4.45 -8.26 -10.16
N TYR A 513 -4.16 -9.37 -10.84
CA TYR A 513 -3.62 -9.31 -12.20
C TYR A 513 -4.69 -9.79 -13.13
N LEU A 514 -5.10 -8.97 -14.11
CA LEU A 514 -6.04 -9.46 -15.04
C LEU A 514 -5.65 -10.76 -15.77
N ARG A 515 -4.35 -10.96 -16.01
CA ARG A 515 -3.86 -12.08 -16.70
C ARG A 515 -4.03 -13.38 -15.86
N ASN A 516 -4.44 -13.24 -14.62
CA ASN A 516 -4.71 -14.42 -13.78
C ASN A 516 -6.20 -14.80 -13.76
N LEU A 517 -7.07 -13.99 -14.40
CA LEU A 517 -8.50 -14.24 -14.28
C LEU A 517 -9.06 -14.90 -15.56
N TYR A 518 -10.31 -15.42 -15.43
CA TYR A 518 -10.98 -15.93 -16.61
C TYR A 518 -12.45 -16.05 -16.28
N ILE A 519 -13.27 -15.95 -17.33
CA ILE A 519 -14.72 -16.03 -17.20
C ILE A 519 -15.23 -17.35 -17.72
N ILE A 520 -16.00 -18.06 -16.87
CA ILE A 520 -16.61 -19.30 -17.29
C ILE A 520 -18.09 -19.11 -17.63
N LYS A 521 -18.67 -20.06 -18.36
CA LYS A 521 -20.12 -19.92 -18.64
C LYS A 521 -20.98 -21.07 -18.16
N HIS A 522 -22.27 -20.71 -18.02
CA HIS A 522 -23.46 -21.57 -17.74
C HIS A 522 -24.21 -20.91 -16.55
N GLY B 1 1.97 0.10 0.62
CA GLY B 1 1.13 0.97 -0.29
C GLY B 1 -0.06 1.53 0.50
N ILE B 2 -0.54 2.70 0.10
CA ILE B 2 -1.70 3.33 0.78
C ILE B 2 -3.00 2.70 0.29
N ILE B 3 -3.79 2.15 1.21
CA ILE B 3 -5.09 1.51 0.92
C ILE B 3 -6.16 2.56 0.82
N ASN B 4 -6.90 2.61 -0.28
CA ASN B 4 -7.93 3.64 -0.43
C ASN B 4 -9.22 3.25 0.27
N THR B 5 -9.47 1.97 0.39
CA THR B 5 -10.76 1.44 0.89
C THR B 5 -10.71 1.05 2.37
N LEU B 6 -11.89 0.65 2.84
CA LEU B 6 -12.05 0.00 4.13
C LEU B 6 -13.12 -1.10 4.01
#